data_7VXX
#
_entry.id   7VXX
#
_cell.length_a   59.149
_cell.length_b   59.149
_cell.length_c   214.127
_cell.angle_alpha   90.000
_cell.angle_beta   90.000
_cell.angle_gamma   90.000
#
_symmetry.space_group_name_H-M   'P 43 21 2'
#
loop_
_entity.id
_entity.type
_entity.pdbx_description
1 polymer 'Serine protease subunit NS2B'
2 polymer 'Serine protease NS3'
3 non-polymer 'P-AMINO BENZAMIDINE'
4 water water
#
loop_
_entity_poly.entity_id
_entity_poly.type
_entity_poly.pdbx_seq_one_letter_code
_entity_poly.pdbx_strand_id
1 'polypeptide(L)' MTGKSVDMYIERAGDITWEKDAEVTGNSPRLDVALDESGDFSLVEEDGPPMRE A,C
2 'polypeptide(L)'
;MHHHHHHSGALWDVPAPKEVKKGETTDGVYRVMTRRLLGSTQVGVGVMQEGVFHTMWHVTKGAALRSGEGRLDPYWGDVK
QDLVSYCGPWKLDAAWDGLSEVQLLAVPPGERAKNIQTLPGIFKTKDGDIGAVALDYPAGTSGSPILDKSGRVIGLYGNG
VVIKNGSYVSAITQGKREEETPVE
;
B,D
#
loop_
_chem_comp.id
_chem_comp.type
_chem_comp.name
_chem_comp.formula
PBZ non-polymer 'P-AMINO BENZAMIDINE' 'C7 H10 N3 1'
#
# COMPACT_ATOMS: atom_id res chain seq x y z
N MET A 8 -9.45 3.34 -18.94
CA MET A 8 -9.91 3.17 -17.56
C MET A 8 -11.07 2.17 -17.47
N TYR A 9 -10.97 1.25 -16.52
CA TYR A 9 -11.97 0.20 -16.39
C TYR A 9 -12.08 -0.20 -14.93
N ILE A 10 -13.17 -0.91 -14.61
CA ILE A 10 -13.48 -1.30 -13.24
C ILE A 10 -13.54 -2.81 -13.13
N GLU A 11 -13.17 -3.32 -11.95
CA GLU A 11 -13.18 -4.74 -11.61
C GLU A 11 -13.79 -4.91 -10.23
N ARG A 12 -14.78 -5.80 -10.10
CA ARG A 12 -15.38 -6.03 -8.80
C ARG A 12 -14.36 -6.59 -7.82
N ALA A 13 -14.39 -6.07 -6.58
CA ALA A 13 -13.45 -6.48 -5.55
C ALA A 13 -14.11 -7.00 -4.29
N GLY A 14 -15.42 -6.85 -4.11
CA GLY A 14 -16.01 -7.37 -2.89
C GLY A 14 -17.44 -6.92 -2.72
N ASP A 15 -18.06 -7.48 -1.69
CA ASP A 15 -19.37 -7.05 -1.23
C ASP A 15 -19.22 -5.85 -0.31
N ILE A 16 -20.30 -5.10 -0.18
CA ILE A 16 -20.37 -4.03 0.82
C ILE A 16 -21.00 -4.67 2.06
N THR A 17 -20.15 -5.13 2.98
CA THR A 17 -20.60 -5.85 4.18
C THR A 17 -19.76 -5.41 5.37
N TRP A 18 -20.40 -5.34 6.53
CA TRP A 18 -19.70 -5.23 7.80
C TRP A 18 -19.15 -6.60 8.20
N GLU A 19 -17.90 -6.64 8.65
CA GLU A 19 -17.21 -7.90 8.91
C GLU A 19 -16.86 -8.00 10.38
N LYS A 20 -17.37 -9.02 11.06
CA LYS A 20 -16.96 -9.31 12.42
C LYS A 20 -15.58 -9.95 12.39
N ALA A 22 -13.00 -8.03 11.85
CA ALA A 22 -12.22 -6.94 11.28
C ALA A 22 -11.17 -6.40 12.24
N GLU A 23 -9.99 -6.09 11.71
CA GLU A 23 -8.97 -5.40 12.50
C GLU A 23 -9.50 -4.05 12.97
N VAL A 24 -9.10 -3.66 14.18
CA VAL A 24 -9.53 -2.39 14.78
C VAL A 24 -8.30 -1.52 15.01
N THR A 25 -8.28 -0.33 14.40
CA THR A 25 -7.12 0.54 14.54
C THR A 25 -7.50 1.99 14.26
N GLY A 26 -6.58 2.90 14.54
CA GLY A 26 -6.74 4.29 14.16
C GLY A 26 -7.15 5.21 15.29
N ASN A 27 -6.63 6.44 15.27
CA ASN A 27 -7.01 7.49 16.21
C ASN A 27 -8.37 8.06 15.81
N SER A 28 -8.85 9.01 16.61
CA SER A 28 -10.07 9.77 16.30
C SER A 28 -9.81 11.24 16.63
N PRO A 29 -8.91 11.88 15.89
CA PRO A 29 -8.57 13.27 16.21
C PRO A 29 -9.72 14.22 15.91
N ARG A 30 -9.77 15.32 16.67
CA ARG A 30 -10.71 16.41 16.40
C ARG A 30 -9.92 17.58 15.84
N LEU A 31 -10.18 17.94 14.58
CA LEU A 31 -9.38 18.92 13.87
C LEU A 31 -10.26 20.05 13.33
N ASP A 32 -9.75 21.27 13.40
CA ASP A 32 -10.39 22.42 12.77
C ASP A 32 -9.88 22.51 11.34
N VAL A 33 -10.79 22.52 10.36
CA VAL A 33 -10.38 22.49 8.97
C VAL A 33 -11.24 23.45 8.17
N ALA A 34 -10.69 23.90 7.05
CA ALA A 34 -11.41 24.66 6.05
C ALA A 34 -11.30 23.94 4.72
N LEU A 35 -12.34 24.05 3.91
CA LEU A 35 -12.43 23.40 2.61
C LEU A 35 -12.57 24.49 1.56
N ASP A 36 -11.66 24.52 0.58
CA ASP A 36 -11.69 25.55 -0.44
C ASP A 36 -12.45 25.07 -1.69
N GLU A 37 -12.54 25.94 -2.70
CA GLU A 37 -13.34 25.62 -3.88
C GLU A 37 -12.74 24.48 -4.69
N SER A 38 -11.43 24.26 -4.61
CA SER A 38 -10.82 23.12 -5.28
C SER A 38 -11.03 21.80 -4.52
N GLY A 39 -11.89 21.78 -3.50
CA GLY A 39 -12.08 20.56 -2.75
C GLY A 39 -10.95 20.19 -1.83
N ASP A 40 -10.05 21.13 -1.53
CA ASP A 40 -8.88 20.85 -0.70
C ASP A 40 -9.17 21.24 0.74
N PHE A 41 -9.06 20.27 1.65
CA PHE A 41 -9.12 20.53 3.08
C PHE A 41 -7.79 21.12 3.56
N SER A 42 -7.85 22.05 4.51
CA SER A 42 -6.64 22.54 5.16
C SER A 42 -6.91 22.76 6.64
N LEU A 43 -5.85 22.61 7.45
CA LEU A 43 -5.97 22.82 8.88
C LEU A 43 -6.16 24.32 9.19
N VAL A 44 -6.97 24.60 10.20
CA VAL A 44 -7.17 25.95 10.70
C VAL A 44 -6.75 25.99 12.16
N GLU A 45 -6.07 27.06 12.55
CA GLU A 45 -5.68 27.23 13.95
C GLU A 45 -6.76 28.00 14.72
N THR B 25 -22.58 -4.28 -13.53
CA THR B 25 -23.73 -3.57 -12.98
C THR B 25 -24.05 -4.01 -11.55
N THR B 26 -23.42 -5.09 -11.10
CA THR B 26 -23.72 -5.72 -9.81
C THR B 26 -23.30 -4.82 -8.64
N ASP B 27 -24.15 -4.76 -7.61
CA ASP B 27 -23.83 -4.00 -6.42
C ASP B 27 -22.51 -4.50 -5.82
N GLY B 28 -21.68 -3.59 -5.35
CA GLY B 28 -20.45 -3.97 -4.67
C GLY B 28 -19.39 -2.90 -4.77
N VAL B 29 -18.19 -3.24 -4.27
CA VAL B 29 -17.03 -2.36 -4.32
C VAL B 29 -16.13 -2.80 -5.48
N TYR B 30 -15.56 -1.83 -6.21
CA TYR B 30 -14.83 -2.10 -7.43
C TYR B 30 -13.48 -1.39 -7.41
N ARG B 31 -12.48 -2.04 -8.02
CA ARG B 31 -11.23 -1.39 -8.35
C ARG B 31 -11.40 -0.54 -9.61
N VAL B 32 -10.82 0.66 -9.60
CA VAL B 32 -10.76 1.52 -10.78
C VAL B 32 -9.35 1.40 -11.35
N MET B 33 -9.24 0.86 -12.57
CA MET B 33 -7.97 0.48 -13.16
C MET B 33 -7.68 1.32 -14.39
N THR B 34 -6.41 1.38 -14.75
CA THR B 34 -6.00 2.06 -15.97
C THR B 34 -4.89 1.28 -16.67
N ARG B 35 -4.86 1.37 -17.99
CA ARG B 35 -3.78 0.78 -18.77
C ARG B 35 -3.02 1.88 -19.53
N SER B 40 -1.33 -3.01 -15.92
CA SER B 40 -2.47 -2.26 -15.38
C SER B 40 -2.14 -1.67 -14.01
N THR B 41 -2.71 -0.51 -13.73
CA THR B 41 -2.46 0.28 -12.53
C THR B 41 -3.79 0.54 -11.84
N GLN B 42 -3.87 0.34 -10.53
CA GLN B 42 -5.07 0.69 -9.78
C GLN B 42 -4.99 2.15 -9.34
N VAL B 43 -5.90 2.97 -9.82
CA VAL B 43 -5.88 4.39 -9.46
C VAL B 43 -6.93 4.72 -8.42
N GLY B 44 -7.92 3.88 -8.21
CA GLY B 44 -8.90 4.13 -7.19
C GLY B 44 -9.84 2.97 -6.99
N VAL B 45 -10.95 3.29 -6.32
CA VAL B 45 -11.95 2.33 -5.87
C VAL B 45 -13.28 3.06 -6.00
N GLY B 46 -14.35 2.31 -6.24
CA GLY B 46 -15.67 2.90 -6.21
C GLY B 46 -16.74 1.92 -5.76
N VAL B 47 -17.96 2.44 -5.61
CA VAL B 47 -19.12 1.69 -5.14
C VAL B 47 -20.18 1.66 -6.23
N MET B 48 -20.60 0.47 -6.62
CA MET B 48 -21.76 0.29 -7.49
C MET B 48 -22.97 0.05 -6.61
N GLN B 49 -24.00 0.89 -6.77
CA GLN B 49 -25.21 0.73 -5.99
C GLN B 49 -26.37 1.26 -6.81
N GLU B 50 -27.44 0.46 -6.91
CA GLU B 50 -28.64 0.80 -7.69
C GLU B 50 -28.27 1.21 -9.11
N GLY B 51 -27.32 0.49 -9.70
CA GLY B 51 -26.90 0.71 -11.06
C GLY B 51 -26.07 1.96 -11.32
N VAL B 52 -25.63 2.65 -10.28
CA VAL B 52 -24.83 3.87 -10.41
C VAL B 52 -23.47 3.60 -9.79
N PHE B 53 -22.41 3.98 -10.49
CA PHE B 53 -21.06 3.89 -9.98
C PHE B 53 -20.64 5.20 -9.32
N HIS B 54 -20.15 5.10 -8.09
CA HIS B 54 -19.76 6.23 -7.26
C HIS B 54 -18.27 6.15 -6.99
N THR B 55 -17.57 7.25 -7.23
CA THR B 55 -16.16 7.28 -6.84
C THR B 55 -15.79 8.73 -6.52
N MET B 56 -14.50 8.98 -6.27
CA MET B 56 -14.06 10.33 -5.98
C MET B 56 -13.59 10.98 -7.27
N TRP B 57 -13.84 12.29 -7.36
CA TRP B 57 -13.54 12.99 -8.61
C TRP B 57 -12.07 12.90 -8.97
N HIS B 58 -11.17 13.03 -7.99
CA HIS B 58 -9.76 13.00 -8.30
C HIS B 58 -9.28 11.63 -8.80
N VAL B 59 -10.08 10.58 -8.63
CA VAL B 59 -9.69 9.27 -9.16
C VAL B 59 -9.85 9.24 -10.67
N THR B 60 -11.01 9.67 -11.18
CA THR B 60 -11.26 9.57 -12.62
C THR B 60 -11.19 10.90 -13.36
N LYS B 61 -11.24 12.03 -12.64
CA LYS B 61 -11.36 13.35 -13.25
C LYS B 61 -12.51 13.37 -14.26
N GLY B 62 -13.53 12.56 -14.02
CA GLY B 62 -14.74 12.56 -14.81
C GLY B 62 -14.68 11.81 -16.11
N ALA B 63 -13.60 11.08 -16.38
CA ALA B 63 -13.49 10.32 -17.61
C ALA B 63 -14.48 9.16 -17.63
N ALA B 64 -14.82 8.72 -18.84
CA ALA B 64 -15.65 7.53 -19.00
C ALA B 64 -14.89 6.29 -18.55
N LEU B 65 -15.65 5.25 -18.19
CA LEU B 65 -15.07 4.03 -17.64
C LEU B 65 -15.60 2.84 -18.41
N ARG B 66 -14.76 1.81 -18.54
CA ARG B 66 -15.16 0.56 -19.19
C ARG B 66 -15.59 -0.45 -18.12
N SER B 67 -16.70 -1.12 -18.39
CA SER B 67 -17.21 -2.19 -17.53
C SER B 67 -17.50 -3.38 -18.44
N GLY B 68 -16.58 -4.32 -18.50
CA GLY B 68 -16.66 -5.35 -19.52
C GLY B 68 -16.63 -4.70 -20.89
N GLU B 69 -17.64 -4.96 -21.72
CA GLU B 69 -17.73 -4.37 -23.03
C GLU B 69 -18.59 -3.11 -23.05
N GLY B 70 -19.17 -2.72 -21.91
CA GLY B 70 -19.94 -1.50 -21.84
C GLY B 70 -19.15 -0.30 -21.35
N ARG B 71 -19.68 0.88 -21.59
CA ARG B 71 -19.09 2.14 -21.15
C ARG B 71 -20.00 2.77 -20.11
N LEU B 72 -19.41 3.20 -18.99
CA LEU B 72 -20.10 4.01 -18.00
C LEU B 72 -19.78 5.48 -18.25
N ASP B 73 -20.83 6.29 -18.40
CA ASP B 73 -20.57 7.70 -18.66
C ASP B 73 -20.81 8.53 -17.41
N PRO B 74 -20.00 9.56 -17.19
CA PRO B 74 -20.21 10.41 -16.01
C PRO B 74 -21.57 11.10 -16.10
N TYR B 75 -22.20 11.25 -14.96
CA TYR B 75 -23.56 11.76 -14.87
C TYR B 75 -23.68 12.98 -13.99
N TRP B 76 -22.96 12.97 -12.86
CA TRP B 76 -22.91 14.10 -11.94
C TRP B 76 -21.52 14.14 -11.33
N GLY B 77 -20.96 15.34 -11.21
CA GLY B 77 -19.65 15.50 -10.58
C GLY B 77 -19.56 16.83 -9.88
N ASP B 78 -18.66 16.91 -8.90
CA ASP B 78 -18.49 18.13 -8.11
C ASP B 78 -17.09 18.09 -7.52
N VAL B 79 -16.22 18.95 -8.05
CA VAL B 79 -14.83 18.99 -7.64
C VAL B 79 -14.70 19.39 -6.17
N LYS B 80 -15.60 20.25 -5.66
CA LYS B 80 -15.48 20.69 -4.28
C LYS B 80 -15.84 19.56 -3.31
N GLN B 81 -16.84 18.75 -3.65
CA GLN B 81 -17.07 17.55 -2.85
C GLN B 81 -16.10 16.43 -3.17
N ASP B 82 -15.37 16.54 -4.28
CA ASP B 82 -14.48 15.49 -4.78
C ASP B 82 -15.24 14.21 -5.04
N LEU B 83 -16.43 14.31 -5.64
CA LEU B 83 -17.25 13.14 -5.90
C LEU B 83 -17.72 13.13 -7.35
N VAL B 84 -18.03 11.94 -7.84
CA VAL B 84 -18.56 11.77 -9.18
C VAL B 84 -19.42 10.51 -9.20
N SER B 85 -20.47 10.54 -10.01
CA SER B 85 -21.32 9.37 -10.18
C SER B 85 -21.50 9.10 -11.67
N TYR B 86 -21.68 7.83 -12.01
CA TYR B 86 -21.77 7.38 -13.39
C TYR B 86 -23.12 6.69 -13.61
N CYS B 87 -23.73 6.95 -14.75
CA CYS B 87 -24.97 6.32 -15.21
C CYS B 87 -26.20 6.74 -14.44
N GLY B 88 -26.07 7.64 -13.47
CA GLY B 88 -27.21 8.10 -12.71
C GLY B 88 -26.79 9.06 -11.62
N PRO B 89 -27.77 9.62 -10.91
CA PRO B 89 -27.45 10.55 -9.82
C PRO B 89 -26.90 9.80 -8.61
N TRP B 90 -26.23 10.54 -7.74
CA TRP B 90 -25.64 9.98 -6.53
C TRP B 90 -26.69 9.25 -5.69
N LYS B 91 -26.42 7.98 -5.35
CA LYS B 91 -27.40 7.15 -4.66
C LYS B 91 -27.12 6.95 -3.18
N LEU B 92 -25.90 7.21 -2.72
CA LEU B 92 -25.49 6.87 -1.36
C LEU B 92 -25.88 8.00 -0.42
N ASP B 93 -26.63 7.70 0.63
CA ASP B 93 -27.14 8.75 1.49
C ASP B 93 -27.08 8.46 2.98
N ALA B 94 -26.49 7.35 3.41
CA ALA B 94 -26.31 7.14 4.83
C ALA B 94 -25.24 8.11 5.36
N ALA B 95 -25.28 8.34 6.67
CA ALA B 95 -24.33 9.24 7.29
C ALA B 95 -23.90 8.69 8.64
N TRP B 96 -22.72 9.12 9.10
CA TRP B 96 -22.22 8.68 10.38
C TRP B 96 -23.14 9.19 11.49
N ASP B 97 -23.35 8.37 12.53
CA ASP B 97 -24.22 8.78 13.61
C ASP B 97 -23.50 9.62 14.67
N GLY B 98 -22.17 9.74 14.60
CA GLY B 98 -21.44 10.55 15.53
C GLY B 98 -20.90 9.83 16.76
N LEU B 99 -21.29 8.59 16.97
CA LEU B 99 -20.89 7.80 18.15
C LEU B 99 -20.26 6.48 17.79
N SER B 100 -20.78 5.77 16.81
CA SER B 100 -20.41 4.37 16.65
C SER B 100 -19.13 4.23 15.85
N GLU B 101 -18.51 3.08 16.00
CA GLU B 101 -17.40 2.74 15.13
C GLU B 101 -17.91 2.49 13.72
N VAL B 102 -17.04 2.68 12.75
CA VAL B 102 -17.35 2.45 11.36
C VAL B 102 -16.32 1.45 10.84
N GLN B 103 -16.52 1.00 9.61
CA GLN B 103 -15.52 0.17 8.95
C GLN B 103 -15.13 0.78 7.62
N LEU B 104 -13.83 0.99 7.43
CA LEU B 104 -13.31 1.28 6.09
C LEU B 104 -13.15 -0.05 5.36
N LEU B 105 -13.83 -0.18 4.23
CA LEU B 105 -13.67 -1.36 3.39
C LEU B 105 -12.59 -1.00 2.37
N ALA B 106 -11.35 -1.14 2.80
CA ALA B 106 -10.23 -0.75 1.96
C ALA B 106 -9.98 -1.79 0.87
N VAL B 107 -9.73 -1.30 -0.34
CA VAL B 107 -9.34 -2.16 -1.44
C VAL B 107 -7.98 -1.69 -1.93
N PRO B 108 -6.88 -2.10 -1.27
CA PRO B 108 -5.56 -1.65 -1.72
C PRO B 108 -5.16 -2.34 -3.01
N PRO B 109 -4.35 -1.70 -3.85
CA PRO B 109 -3.85 -2.38 -5.04
C PRO B 109 -3.09 -3.65 -4.66
N GLY B 110 -3.32 -4.72 -5.44
CA GLY B 110 -2.61 -5.97 -5.24
C GLY B 110 -2.97 -6.72 -3.98
N GLU B 111 -3.97 -6.29 -3.24
CA GLU B 111 -4.44 -6.97 -2.04
C GLU B 111 -5.94 -7.22 -2.18
N ARG B 112 -6.42 -8.21 -1.43
CA ARG B 112 -7.85 -8.44 -1.31
C ARG B 112 -8.50 -7.35 -0.46
N ALA B 113 -9.78 -7.11 -0.73
CA ALA B 113 -10.56 -6.19 0.10
C ALA B 113 -10.51 -6.60 1.56
N LYS B 114 -10.33 -5.61 2.44
CA LYS B 114 -10.31 -5.91 3.87
C LYS B 114 -11.05 -4.82 4.62
N ASN B 115 -11.68 -5.20 5.73
CA ASN B 115 -12.42 -4.26 6.56
C ASN B 115 -11.53 -3.79 7.71
N ILE B 116 -11.45 -2.48 7.88
CA ILE B 116 -10.71 -1.89 8.98
C ILE B 116 -11.71 -1.11 9.82
N GLN B 117 -11.89 -1.55 11.06
CA GLN B 117 -12.83 -0.91 11.97
C GLN B 117 -12.11 0.20 12.74
N THR B 118 -12.80 1.32 12.94
CA THR B 118 -12.21 2.47 13.59
C THR B 118 -13.34 3.35 14.15
N LEU B 119 -12.98 4.21 15.09
CA LEU B 119 -13.90 5.26 15.49
C LEU B 119 -13.50 6.56 14.82
N PRO B 120 -14.39 7.19 14.06
CA PRO B 120 -14.04 8.44 13.36
C PRO B 120 -13.68 9.54 14.35
N GLY B 121 -12.67 10.32 13.99
CA GLY B 121 -12.52 11.66 14.52
C GLY B 121 -13.47 12.61 13.79
N ILE B 122 -13.19 13.90 13.93
CA ILE B 122 -14.12 14.93 13.45
C ILE B 122 -13.33 16.04 12.76
N PHE B 123 -13.75 16.39 11.53
CA PHE B 123 -13.36 17.66 10.89
C PHE B 123 -14.38 18.71 11.29
N LYS B 124 -13.98 19.69 12.08
CA LYS B 124 -14.87 20.78 12.47
C LYS B 124 -14.72 21.92 11.47
N THR B 125 -15.78 22.22 10.73
CA THR B 125 -15.75 23.25 9.70
C THR B 125 -16.75 24.35 10.01
N LYS B 126 -16.62 25.44 9.24
CA LYS B 126 -17.56 26.56 9.35
C LYS B 126 -18.99 26.14 9.05
N ASP B 127 -19.17 25.08 8.27
CA ASP B 127 -20.49 24.61 7.88
C ASP B 127 -20.87 23.31 8.60
N GLY B 128 -20.22 23.00 9.72
CA GLY B 128 -20.59 21.87 10.55
C GLY B 128 -19.48 20.83 10.63
N ASP B 129 -19.76 19.78 11.42
CA ASP B 129 -18.82 18.68 11.62
C ASP B 129 -18.92 17.64 10.50
N ILE B 130 -17.77 17.13 10.09
CA ILE B 130 -17.65 16.01 9.16
C ILE B 130 -16.87 14.92 9.88
N GLY B 131 -17.37 13.68 9.83
CA GLY B 131 -16.60 12.57 10.34
C GLY B 131 -15.33 12.37 9.55
N ALA B 132 -14.32 11.78 10.19
CA ALA B 132 -13.03 11.61 9.53
C ALA B 132 -12.35 10.39 10.12
N VAL B 133 -11.63 9.64 9.29
CA VAL B 133 -10.99 8.41 9.74
C VAL B 133 -9.49 8.61 9.61
N ALA B 134 -8.76 8.29 10.70
CA ALA B 134 -7.32 8.50 10.75
C ALA B 134 -6.62 7.21 10.32
N LEU B 135 -6.87 6.85 9.07
CA LEU B 135 -6.32 5.65 8.45
C LEU B 135 -5.58 6.03 7.19
N ASP B 136 -4.41 5.43 6.98
CA ASP B 136 -3.49 5.87 5.93
C ASP B 136 -3.13 4.67 5.04
N TYR B 137 -3.83 4.51 3.93
CA TYR B 137 -3.64 3.43 2.98
C TYR B 137 -3.14 3.97 1.64
N PRO B 138 -2.63 3.10 0.75
CA PRO B 138 -2.05 3.59 -0.52
C PRO B 138 -3.03 4.40 -1.36
N ALA B 139 -2.50 5.28 -2.22
CA ALA B 139 -3.37 6.23 -2.91
C ALA B 139 -4.35 5.55 -3.84
N GLY B 140 -4.01 4.35 -4.33
CA GLY B 140 -4.97 3.62 -5.13
C GLY B 140 -6.17 3.11 -4.37
N THR B 141 -6.21 3.32 -3.04
CA THR B 141 -7.38 2.99 -2.23
C THR B 141 -8.42 4.12 -2.24
N SER B 142 -8.14 5.24 -2.89
CA SER B 142 -9.06 6.37 -2.90
C SER B 142 -10.40 5.95 -3.49
N GLY B 143 -11.48 6.28 -2.80
CA GLY B 143 -12.81 5.87 -3.20
C GLY B 143 -13.34 4.66 -2.46
N SER B 144 -12.52 4.00 -1.63
CA SER B 144 -13.01 2.88 -0.84
C SER B 144 -14.14 3.33 0.08
N PRO B 145 -15.19 2.53 0.24
CA PRO B 145 -16.32 2.97 1.06
C PRO B 145 -16.09 2.79 2.55
N ILE B 146 -16.72 3.68 3.30
CA ILE B 146 -16.81 3.61 4.75
C ILE B 146 -18.24 3.22 5.08
N LEU B 147 -18.39 2.20 5.92
CA LEU B 147 -19.69 1.57 6.19
C LEU B 147 -20.08 1.75 7.64
N ASP B 148 -21.39 1.88 7.89
CA ASP B 148 -21.91 1.84 9.24
C ASP B 148 -22.19 0.39 9.64
N LYS B 149 -22.68 0.23 10.88
CA LYS B 149 -22.94 -1.13 11.40
C LYS B 149 -23.97 -1.87 10.56
N SER B 150 -24.90 -1.16 9.93
CA SER B 150 -25.91 -1.80 9.10
C SER B 150 -25.42 -2.15 7.71
N GLY B 151 -24.13 -1.95 7.41
CA GLY B 151 -23.62 -2.24 6.09
C GLY B 151 -23.87 -1.19 5.03
N ARG B 152 -24.36 0.00 5.40
CA ARG B 152 -24.66 1.05 4.44
C ARG B 152 -23.46 2.01 4.29
N VAL B 153 -23.25 2.49 3.07
CA VAL B 153 -22.11 3.34 2.80
C VAL B 153 -22.42 4.75 3.31
N ILE B 154 -21.60 5.23 4.25
CA ILE B 154 -21.76 6.55 4.80
C ILE B 154 -20.81 7.56 4.18
N GLY B 155 -19.92 7.13 3.30
CA GLY B 155 -19.01 8.06 2.65
C GLY B 155 -17.89 7.31 1.97
N LEU B 156 -17.04 8.07 1.27
CA LEU B 156 -15.90 7.49 0.58
C LEU B 156 -14.61 8.06 1.15
N TYR B 157 -13.56 7.25 1.06
CA TYR B 157 -12.26 7.53 1.66
C TYR B 157 -11.31 8.13 0.63
N GLY B 158 -10.55 9.13 1.03
CA GLY B 158 -9.47 9.57 0.16
C GLY B 158 -9.34 11.06 -0.10
N ASN B 159 -10.17 11.89 0.53
CA ASN B 159 -9.93 13.33 0.52
C ASN B 159 -9.78 13.81 1.95
N GLY B 160 -8.66 14.46 2.25
CA GLY B 160 -8.39 14.80 3.62
C GLY B 160 -7.22 15.73 3.87
N VAL B 161 -6.55 15.55 5.00
CA VAL B 161 -5.48 16.42 5.47
C VAL B 161 -4.38 15.56 6.08
N VAL B 162 -3.20 16.17 6.23
CA VAL B 162 -2.08 15.56 6.96
C VAL B 162 -1.87 16.36 8.24
N ILE B 163 -1.87 15.68 9.37
CA ILE B 163 -1.74 16.33 10.67
C ILE B 163 -0.28 16.60 10.97
N GLY B 166 3.94 12.13 9.01
CA GLY B 166 2.72 12.81 8.60
C GLY B 166 1.55 11.86 8.47
N SER B 167 0.68 11.82 9.47
CA SER B 167 -0.47 10.93 9.39
C SER B 167 -1.59 11.58 8.60
N TYR B 168 -2.06 10.84 7.61
CA TYR B 168 -3.20 11.27 6.81
C TYR B 168 -4.48 11.02 7.57
N VAL B 169 -5.41 11.96 7.50
CA VAL B 169 -6.75 11.79 8.02
C VAL B 169 -7.72 12.11 6.89
N SER B 170 -8.62 11.18 6.58
CA SER B 170 -9.51 11.34 5.44
C SER B 170 -10.88 11.78 5.95
N ALA B 171 -11.49 12.76 5.28
CA ALA B 171 -12.89 13.02 5.55
C ALA B 171 -13.70 11.77 5.20
N ILE B 172 -14.83 11.59 5.87
CA ILE B 172 -15.84 10.64 5.40
C ILE B 172 -16.70 11.43 4.42
N THR B 173 -16.40 11.31 3.13
CA THR B 173 -17.02 12.20 2.12
C THR B 173 -18.29 11.56 1.59
N GLN B 174 -19.43 12.23 1.80
CA GLN B 174 -20.71 11.72 1.35
C GLN B 174 -21.40 12.79 0.52
N GLY B 175 -22.07 12.36 -0.54
CA GLY B 175 -22.78 13.27 -1.43
C GLY B 175 -24.06 13.80 -0.79
N MET C 8 7.42 -24.07 -5.28
CA MET C 8 7.67 -22.66 -5.59
C MET C 8 8.70 -22.50 -6.70
N TYR C 9 8.51 -21.48 -7.53
CA TYR C 9 9.42 -21.19 -8.62
C TYR C 9 9.62 -19.69 -8.71
N ILE C 10 10.67 -19.29 -9.42
CA ILE C 10 10.99 -17.89 -9.57
C ILE C 10 10.72 -17.48 -11.01
N GLU C 11 10.42 -16.20 -11.20
CA GLU C 11 10.08 -15.65 -12.51
C GLU C 11 10.69 -14.27 -12.60
N ARG C 12 11.41 -13.99 -13.68
CA ARG C 12 12.10 -12.71 -13.81
C ARG C 12 11.11 -11.56 -13.80
N ALA C 13 11.48 -10.47 -13.12
CA ALA C 13 10.62 -9.29 -13.01
C ALA C 13 11.29 -7.98 -13.42
N GLY C 14 12.59 -7.96 -13.64
CA GLY C 14 13.20 -6.74 -14.13
C GLY C 14 14.65 -6.64 -13.76
N ASP C 15 15.27 -5.60 -14.32
CA ASP C 15 16.62 -5.20 -13.95
C ASP C 15 16.56 -4.39 -12.67
N ILE C 16 17.70 -4.25 -12.03
CA ILE C 16 17.84 -3.46 -10.81
C ILE C 16 18.55 -2.17 -11.20
N THR C 17 17.81 -1.07 -11.21
CA THR C 17 18.32 0.20 -11.72
C THR C 17 17.68 1.34 -10.95
N TRP C 18 18.45 2.39 -10.72
CA TRP C 18 17.89 3.64 -10.20
C TRP C 18 17.14 4.34 -11.32
N GLU C 19 15.89 4.73 -11.06
CA GLU C 19 15.11 5.50 -12.04
C GLU C 19 15.26 6.99 -11.76
N LYS C 20 15.84 7.72 -12.71
CA LYS C 20 15.89 9.17 -12.60
C LYS C 20 14.47 9.73 -12.67
N ASP C 21 14.21 10.76 -11.87
CA ASP C 21 12.90 11.41 -11.83
C ASP C 21 11.80 10.43 -11.47
N ALA C 22 12.07 9.54 -10.51
CA ALA C 22 11.04 8.66 -10.00
C ALA C 22 10.11 9.41 -9.06
N GLU C 23 8.93 8.83 -8.83
CA GLU C 23 8.01 9.35 -7.83
C GLU C 23 8.64 9.28 -6.44
N VAL C 24 8.61 10.40 -5.72
CA VAL C 24 9.10 10.51 -4.35
C VAL C 24 7.90 10.53 -3.39
N THR C 25 7.89 9.64 -2.41
CA THR C 25 6.77 9.57 -1.48
C THR C 25 7.19 8.83 -0.20
N GLY C 26 6.25 8.79 0.75
CA GLY C 26 6.49 8.28 2.08
C GLY C 26 7.13 9.29 3.00
N ASN C 27 6.88 9.17 4.31
CA ASN C 27 7.62 9.96 5.28
C ASN C 27 8.81 9.15 5.78
N SER C 28 9.35 9.50 6.94
CA SER C 28 10.62 8.97 7.44
C SER C 28 10.53 8.79 8.94
N PRO C 29 9.70 7.87 9.41
CA PRO C 29 9.41 7.80 10.85
C PRO C 29 10.60 7.29 11.64
N ARG C 30 10.77 7.84 12.84
CA ARG C 30 11.67 7.28 13.84
C ARG C 30 10.82 6.47 14.81
N LEU C 31 11.04 5.15 14.85
CA LEU C 31 10.21 4.25 15.62
C LEU C 31 11.09 3.40 16.52
N ASP C 32 10.66 3.25 17.78
CA ASP C 32 11.31 2.34 18.72
C ASP C 32 10.71 0.95 18.57
N VAL C 33 11.54 -0.03 18.22
CA VAL C 33 11.07 -1.36 17.89
C VAL C 33 11.92 -2.40 18.61
N ALA C 34 11.41 -3.62 18.67
CA ALA C 34 12.13 -4.77 19.19
C ALA C 34 12.07 -5.90 18.17
N LEU C 35 13.21 -6.56 17.97
CA LEU C 35 13.31 -7.75 17.13
C LEU C 35 13.34 -8.97 18.04
N ASP C 36 12.37 -9.86 17.88
CA ASP C 36 12.36 -11.04 18.73
C ASP C 36 13.11 -12.20 18.06
N GLU C 37 13.30 -13.30 18.81
CA GLU C 37 14.13 -14.39 18.32
C GLU C 37 13.57 -14.98 17.03
N SER C 38 12.25 -14.87 16.81
CA SER C 38 11.62 -15.41 15.61
C SER C 38 11.73 -14.48 14.40
N GLY C 39 12.48 -13.39 14.50
CA GLY C 39 12.63 -12.47 13.37
C GLY C 39 11.50 -11.49 13.19
N ASP C 40 10.57 -11.41 14.13
CA ASP C 40 9.43 -10.50 14.04
C ASP C 40 9.72 -9.18 14.75
N PHE C 41 9.43 -8.07 14.09
CA PHE C 41 9.55 -6.76 14.72
C PHE C 41 8.26 -6.44 15.46
N SER C 42 8.39 -5.66 16.54
CA SER C 42 7.21 -5.09 17.18
C SER C 42 7.55 -3.71 17.72
N LEU C 43 6.52 -2.87 17.85
CA LEU C 43 6.68 -1.55 18.43
C LEU C 43 6.85 -1.66 19.93
N VAL C 44 7.81 -0.91 20.48
CA VAL C 44 8.04 -0.92 21.92
C VAL C 44 6.90 -0.22 22.65
N VAL D 20 24.22 -19.57 -23.19
CA VAL D 20 24.86 -18.37 -22.66
C VAL D 20 26.38 -18.53 -22.69
N LYS D 21 27.11 -17.41 -22.68
CA LYS D 21 28.56 -17.43 -22.53
C LYS D 21 28.93 -17.87 -21.13
N LYS D 22 30.18 -18.34 -20.97
CA LYS D 22 30.64 -18.79 -19.67
C LYS D 22 30.72 -17.61 -18.70
N GLY D 23 30.09 -17.77 -17.54
CA GLY D 23 30.00 -16.71 -16.56
C GLY D 23 28.83 -15.76 -16.72
N GLU D 24 27.95 -15.98 -17.71
CA GLU D 24 26.83 -15.06 -17.97
C GLU D 24 25.62 -15.48 -17.13
N THR D 25 25.54 -14.95 -15.91
CA THR D 25 24.40 -15.18 -15.03
C THR D 25 23.46 -13.98 -15.09
N THR D 26 22.16 -14.25 -14.92
CA THR D 26 21.12 -13.24 -15.18
C THR D 26 20.77 -12.50 -13.89
N ASP D 27 21.53 -11.46 -13.58
CA ASP D 27 21.20 -10.54 -12.51
C ASP D 27 19.81 -9.94 -12.71
N GLY D 28 19.13 -9.67 -11.60
CA GLY D 28 17.88 -8.95 -11.67
C GLY D 28 17.00 -9.27 -10.48
N VAL D 29 15.75 -8.82 -10.58
CA VAL D 29 14.74 -9.06 -9.55
C VAL D 29 13.77 -10.09 -10.07
N TYR D 30 13.27 -10.95 -9.17
CA TYR D 30 12.48 -12.11 -9.53
C TYR D 30 11.26 -12.18 -8.64
N ARG D 31 10.13 -12.60 -9.21
CA ARG D 31 8.97 -13.00 -8.42
C ARG D 31 9.11 -14.45 -7.95
N VAL D 32 8.70 -14.70 -6.71
CA VAL D 32 8.64 -16.03 -6.14
C VAL D 32 7.18 -16.46 -6.13
N MET D 33 6.83 -17.50 -6.92
CA MET D 33 5.46 -17.90 -7.19
C MET D 33 5.19 -19.30 -6.64
N THR D 34 3.92 -19.54 -6.27
CA THR D 34 3.52 -20.76 -5.55
C THR D 34 2.01 -20.81 -5.40
N ARG D 35 1.52 -21.95 -4.90
CA ARG D 35 0.12 -22.16 -4.48
C ARG D 35 -0.09 -23.64 -4.14
N THR D 41 0.24 -17.71 -7.59
CA THR D 41 0.13 -16.81 -6.45
C THR D 41 1.51 -16.35 -5.98
N GLN D 42 1.74 -15.04 -5.94
CA GLN D 42 3.05 -14.51 -5.61
C GLN D 42 3.19 -14.44 -4.09
N VAL D 43 4.16 -15.18 -3.56
CA VAL D 43 4.43 -15.18 -2.12
C VAL D 43 5.58 -14.22 -1.76
N GLY D 44 6.41 -13.86 -2.72
CA GLY D 44 7.48 -12.95 -2.42
C GLY D 44 8.25 -12.57 -3.65
N VAL D 45 9.42 -12.00 -3.41
CA VAL D 45 10.31 -11.44 -4.42
C VAL D 45 11.74 -11.72 -3.98
N GLY D 46 12.67 -11.71 -4.93
CA GLY D 46 14.07 -11.82 -4.57
C GLY D 46 15.00 -11.21 -5.60
N VAL D 47 16.28 -11.19 -5.25
CA VAL D 47 17.32 -10.57 -6.05
C VAL D 47 18.30 -11.66 -6.49
N MET D 48 18.50 -11.77 -7.79
CA MET D 48 19.55 -12.58 -8.36
C MET D 48 20.76 -11.67 -8.58
N GLN D 49 21.88 -12.02 -7.95
CA GLN D 49 23.09 -11.23 -8.12
C GLN D 49 24.30 -12.13 -7.94
N GLU D 50 25.21 -12.12 -8.92
CA GLU D 50 26.45 -12.91 -8.84
C GLU D 50 26.14 -14.39 -8.68
N GLY D 51 25.07 -14.85 -9.32
CA GLY D 51 24.74 -16.26 -9.28
C GLY D 51 23.99 -16.72 -8.07
N VAL D 52 23.72 -15.84 -7.11
CA VAL D 52 23.08 -16.20 -5.85
C VAL D 52 21.70 -15.55 -5.81
N PHE D 53 20.69 -16.29 -5.39
CA PHE D 53 19.36 -15.74 -5.19
C PHE D 53 19.16 -15.35 -3.73
N HIS D 54 18.77 -14.10 -3.52
CA HIS D 54 18.61 -13.50 -2.20
C HIS D 54 17.12 -13.23 -1.97
N THR D 55 16.57 -13.72 -0.85
CA THR D 55 15.19 -13.35 -0.52
C THR D 55 15.04 -13.38 0.99
N MET D 56 13.82 -13.18 1.47
CA MET D 56 13.58 -13.18 2.90
C MET D 56 13.14 -14.56 3.35
N TRP D 57 13.55 -14.92 4.57
CA TRP D 57 13.27 -16.27 5.06
C TRP D 57 11.77 -16.56 5.08
N HIS D 58 10.98 -15.63 5.59
CA HIS D 58 9.54 -15.89 5.69
C HIS D 58 8.87 -16.07 4.32
N VAL D 59 9.53 -15.74 3.22
CA VAL D 59 8.94 -15.99 1.91
C VAL D 59 9.00 -17.48 1.57
N THR D 60 10.18 -18.09 1.70
CA THR D 60 10.36 -19.48 1.28
C THR D 60 10.45 -20.46 2.43
N LYS D 61 10.70 -19.98 3.66
CA LYS D 61 10.95 -20.84 4.81
C LYS D 61 12.11 -21.81 4.58
N GLY D 62 13.01 -21.49 3.64
CA GLY D 62 14.14 -22.34 3.31
C GLY D 62 13.89 -23.39 2.26
N ALA D 63 12.67 -23.48 1.73
CA ALA D 63 12.32 -24.52 0.77
C ALA D 63 13.08 -24.32 -0.54
N ALA D 64 13.31 -25.44 -1.24
CA ALA D 64 13.94 -25.38 -2.54
C ALA D 64 13.04 -24.66 -3.55
N LEU D 65 13.66 -24.04 -4.55
CA LEU D 65 12.94 -23.29 -5.57
C LEU D 65 13.26 -23.83 -6.95
N ARG D 66 12.24 -23.87 -7.80
CA ARG D 66 12.38 -24.25 -9.19
C ARG D 66 12.70 -23.01 -10.02
N SER D 67 13.46 -23.21 -11.10
CA SER D 67 13.88 -22.10 -11.94
C SER D 67 14.09 -22.52 -13.39
N ARG D 71 17.10 -26.31 -10.41
CA ARG D 71 16.68 -26.17 -9.01
C ARG D 71 17.65 -25.29 -8.22
N LEU D 72 17.09 -24.44 -7.37
CA LEU D 72 17.89 -23.58 -6.49
C LEU D 72 17.88 -24.18 -5.09
N ASP D 73 19.09 -24.38 -4.54
CA ASP D 73 19.07 -24.94 -3.20
C ASP D 73 19.56 -23.95 -2.18
N PRO D 74 18.97 -23.92 -0.99
CA PRO D 74 19.35 -22.92 0.01
C PRO D 74 20.78 -23.17 0.45
N TYR D 75 21.47 -22.09 0.68
CA TYR D 75 22.88 -22.14 1.02
C TYR D 75 23.20 -21.48 2.34
N TRP D 76 22.50 -20.39 2.69
CA TRP D 76 22.66 -19.72 3.97
C TRP D 76 21.31 -19.15 4.35
N GLY D 77 21.04 -19.12 5.65
CA GLY D 77 19.79 -18.55 6.11
C GLY D 77 19.83 -18.27 7.59
N ASP D 78 19.07 -17.26 8.00
CA ASP D 78 18.99 -16.86 9.40
C ASP D 78 17.59 -16.35 9.67
N VAL D 79 16.84 -17.08 10.50
CA VAL D 79 15.45 -16.72 10.82
C VAL D 79 15.38 -15.35 11.49
N LYS D 80 16.32 -15.04 12.38
CA LYS D 80 16.22 -13.78 13.10
C LYS D 80 16.46 -12.60 12.17
N GLN D 81 17.45 -12.70 11.28
CA GLN D 81 17.63 -11.69 10.24
C GLN D 81 16.52 -11.74 9.20
N ASP D 82 15.83 -12.88 9.10
CA ASP D 82 14.76 -13.11 8.12
C ASP D 82 15.29 -13.04 6.69
N LEU D 83 16.47 -13.65 6.47
CA LEU D 83 17.10 -13.66 5.16
C LEU D 83 17.51 -15.07 4.77
N VAL D 84 17.65 -15.29 3.47
CA VAL D 84 18.11 -16.58 2.96
C VAL D 84 18.74 -16.34 1.60
N SER D 85 19.81 -17.11 1.33
CA SER D 85 20.45 -17.10 0.02
C SER D 85 20.50 -18.51 -0.56
N TYR D 86 20.52 -18.58 -1.88
CA TYR D 86 20.43 -19.82 -2.63
C TYR D 86 21.61 -19.90 -3.59
N CYS D 87 22.22 -21.08 -3.67
CA CYS D 87 23.30 -21.40 -4.59
C CYS D 87 24.62 -20.74 -4.21
N GLY D 88 24.68 -20.05 -3.08
CA GLY D 88 25.87 -19.33 -2.72
C GLY D 88 25.64 -18.42 -1.54
N PRO D 89 26.71 -17.84 -0.99
CA PRO D 89 26.58 -17.00 0.19
C PRO D 89 25.99 -15.64 -0.16
N TRP D 90 25.50 -14.96 0.87
CA TRP D 90 24.94 -13.61 0.70
C TRP D 90 25.95 -12.67 0.07
N LYS D 91 25.55 -12.03 -1.04
CA LYS D 91 26.43 -11.21 -1.85
C LYS D 91 26.23 -9.70 -1.68
N LEU D 92 25.13 -9.27 -1.07
CA LEU D 92 24.77 -7.85 -1.03
C LEU D 92 25.27 -7.25 0.28
N ASP D 93 26.16 -6.26 0.18
CA ASP D 93 26.72 -5.65 1.37
C ASP D 93 26.71 -4.13 1.36
N ALA D 94 26.14 -3.50 0.33
CA ALA D 94 25.94 -2.05 0.38
C ALA D 94 25.03 -1.69 1.54
N ALA D 95 25.29 -0.51 2.13
CA ALA D 95 24.50 -0.03 3.25
C ALA D 95 23.98 1.37 2.96
N TRP D 96 22.77 1.63 3.43
CA TRP D 96 22.25 2.99 3.43
C TRP D 96 23.25 3.90 4.14
N ASP D 97 23.53 5.06 3.53
CA ASP D 97 24.46 6.03 4.10
C ASP D 97 23.84 6.84 5.23
N GLY D 98 22.59 6.52 5.62
CA GLY D 98 21.91 7.21 6.69
C GLY D 98 21.48 8.61 6.36
N LEU D 99 21.64 9.03 5.10
CA LEU D 99 21.60 10.43 4.71
C LEU D 99 20.82 10.69 3.42
N SER D 100 20.93 9.80 2.44
CA SER D 100 20.40 10.03 1.10
C SER D 100 19.07 9.32 0.90
N GLU D 101 18.34 9.80 -0.11
CA GLU D 101 17.13 9.11 -0.53
C GLU D 101 17.50 7.79 -1.21
N VAL D 102 16.58 6.83 -1.15
CA VAL D 102 16.75 5.53 -1.76
C VAL D 102 15.53 5.25 -2.62
N GLN D 103 15.58 4.14 -3.35
CA GLN D 103 14.44 3.69 -4.13
C GLN D 103 14.08 2.26 -3.78
N LEU D 104 12.80 2.02 -3.49
CA LEU D 104 12.27 0.67 -3.40
C LEU D 104 11.94 0.22 -4.81
N LEU D 105 12.52 -0.90 -5.25
CA LEU D 105 12.13 -1.49 -6.53
C LEU D 105 10.99 -2.43 -6.22
N ALA D 106 9.79 -1.86 -6.16
CA ALA D 106 8.65 -2.61 -5.65
C ALA D 106 8.14 -3.57 -6.72
N VAL D 107 8.00 -4.84 -6.36
CA VAL D 107 7.49 -5.85 -7.28
C VAL D 107 6.22 -6.46 -6.70
N PRO D 108 5.07 -5.78 -6.79
CA PRO D 108 3.86 -6.28 -6.12
C PRO D 108 3.19 -7.36 -6.96
N PRO D 109 2.44 -8.26 -6.32
CA PRO D 109 1.73 -9.30 -7.08
C PRO D 109 0.83 -8.69 -8.15
N GLY D 110 0.95 -9.20 -9.37
CA GLY D 110 0.07 -8.79 -10.45
C GLY D 110 0.34 -7.43 -11.04
N GLU D 111 1.43 -6.76 -10.65
CA GLU D 111 1.74 -5.42 -11.12
C GLU D 111 3.18 -5.36 -11.61
N ARG D 112 3.43 -4.44 -12.55
CA ARG D 112 4.78 -4.24 -13.06
C ARG D 112 5.69 -3.70 -11.96
N ALA D 113 6.97 -4.05 -12.05
CA ALA D 113 7.96 -3.51 -11.12
C ALA D 113 8.08 -2.00 -11.28
N LYS D 114 8.15 -1.29 -10.17
CA LYS D 114 8.17 0.16 -10.19
C LYS D 114 9.10 0.69 -9.12
N ASN D 115 9.90 1.69 -9.47
CA ASN D 115 10.82 2.34 -8.55
C ASN D 115 10.09 3.44 -7.79
N ILE D 116 10.18 3.41 -6.47
CA ILE D 116 9.55 4.39 -5.60
C ILE D 116 10.65 5.01 -4.74
N GLN D 117 10.84 6.33 -4.89
CA GLN D 117 11.92 7.01 -4.18
C GLN D 117 11.42 7.55 -2.85
N THR D 118 12.25 7.41 -1.82
CA THR D 118 11.82 7.75 -0.48
C THR D 118 13.04 8.06 0.37
N LEU D 119 12.82 8.78 1.47
CA LEU D 119 13.89 8.98 2.45
C LEU D 119 13.63 8.06 3.63
N PRO D 120 14.48 7.07 3.89
CA PRO D 120 14.20 6.13 4.97
C PRO D 120 14.06 6.84 6.31
N GLY D 121 13.18 6.29 7.15
CA GLY D 121 13.17 6.55 8.56
C GLY D 121 14.14 5.60 9.27
N ILE D 122 13.90 5.42 10.57
CA ILE D 122 14.84 4.66 11.40
C ILE D 122 14.06 3.78 12.37
N PHE D 123 14.41 2.50 12.40
CA PHE D 123 14.01 1.57 13.45
C PHE D 123 15.08 1.62 14.54
N LYS D 124 14.75 2.19 15.70
CA LYS D 124 15.69 2.28 16.79
C LYS D 124 15.50 1.07 17.71
N THR D 125 16.53 0.25 17.83
CA THR D 125 16.45 -0.95 18.65
C THR D 125 17.51 -0.90 19.75
N LYS D 126 17.40 -1.85 20.70
CA LYS D 126 18.35 -1.94 21.79
C LYS D 126 19.76 -2.30 21.32
N ASP D 127 19.89 -2.86 20.12
CA ASP D 127 21.19 -3.21 19.55
C ASP D 127 21.57 -2.31 18.39
N GLY D 128 20.99 -1.12 18.29
CA GLY D 128 21.38 -0.13 17.30
C GLY D 128 20.23 0.26 16.38
N ASP D 129 20.56 1.13 15.44
CA ASP D 129 19.60 1.67 14.49
C ASP D 129 19.65 0.92 13.17
N ILE D 130 18.49 0.79 12.53
CA ILE D 130 18.34 0.22 11.19
C ILE D 130 17.48 1.19 10.38
N GLY D 131 17.85 1.40 9.12
CA GLY D 131 16.99 2.19 8.25
C GLY D 131 15.64 1.52 8.03
N ALA D 132 14.64 2.33 7.68
CA ALA D 132 13.31 1.77 7.48
C ALA D 132 12.58 2.61 6.46
N VAL D 133 11.76 1.97 5.62
CA VAL D 133 11.05 2.70 4.57
C VAL D 133 9.56 2.66 4.86
N ALA D 134 8.93 3.83 4.88
CA ALA D 134 7.49 3.95 5.11
C ALA D 134 6.77 3.87 3.76
N LEU D 135 6.75 2.66 3.21
CA LEU D 135 6.05 2.37 1.96
C LEU D 135 5.24 1.10 2.15
N ASP D 136 4.01 1.12 1.67
CA ASP D 136 3.03 0.09 2.02
C ASP D 136 2.67 -0.71 0.77
N TYR D 137 3.13 -1.95 0.70
CA TYR D 137 2.87 -2.86 -0.40
C TYR D 137 2.39 -4.21 0.13
N PRO D 138 1.67 -4.98 -0.69
CA PRO D 138 1.14 -6.26 -0.23
C PRO D 138 2.25 -7.20 0.22
N ALA D 139 1.85 -8.18 1.04
CA ALA D 139 2.81 -9.11 1.65
C ALA D 139 3.67 -9.82 0.61
N GLY D 140 3.09 -10.13 -0.55
CA GLY D 140 3.83 -10.78 -1.63
C GLY D 140 4.90 -9.92 -2.28
N THR D 141 5.01 -8.65 -1.90
CA THR D 141 6.10 -7.78 -2.33
C THR D 141 7.37 -8.03 -1.52
N SER D 142 7.28 -8.82 -0.46
CA SER D 142 8.39 -9.09 0.43
C SER D 142 9.58 -9.65 -0.33
N GLY D 143 10.75 -9.08 -0.08
CA GLY D 143 11.94 -9.43 -0.81
C GLY D 143 12.32 -8.45 -1.90
N SER D 144 11.46 -7.46 -2.20
CA SER D 144 11.83 -6.47 -3.17
C SER D 144 13.05 -5.68 -2.70
N PRO D 145 13.97 -5.38 -3.59
CA PRO D 145 15.21 -4.70 -3.19
C PRO D 145 15.04 -3.21 -2.99
N ILE D 146 15.80 -2.70 -2.03
CA ILE D 146 15.96 -1.27 -1.82
C ILE D 146 17.35 -0.89 -2.34
N LEU D 147 17.42 0.19 -3.14
CA LEU D 147 18.65 0.57 -3.83
C LEU D 147 19.13 1.95 -3.43
N ASP D 148 20.45 2.14 -3.44
CA ASP D 148 21.02 3.46 -3.30
C ASP D 148 21.17 4.09 -4.69
N LYS D 149 21.67 5.33 -4.72
CA LYS D 149 21.74 6.09 -5.97
C LYS D 149 22.72 5.51 -6.96
N SER D 150 23.65 4.65 -6.52
CA SER D 150 24.55 3.99 -7.43
C SER D 150 23.99 2.70 -8.00
N GLY D 151 22.73 2.37 -7.69
CA GLY D 151 22.12 1.15 -8.15
C GLY D 151 22.38 -0.08 -7.29
N ARG D 152 23.11 0.05 -6.20
CA ARG D 152 23.44 -1.08 -5.34
C ARG D 152 22.30 -1.40 -4.38
N VAL D 153 22.05 -2.69 -4.17
CA VAL D 153 21.00 -3.14 -3.26
C VAL D 153 21.49 -2.97 -1.83
N ILE D 154 20.82 -2.11 -1.06
CA ILE D 154 21.19 -1.89 0.33
C ILE D 154 20.34 -2.71 1.31
N GLY D 155 19.43 -3.52 0.81
CA GLY D 155 18.62 -4.35 1.67
C GLY D 155 17.34 -4.78 0.98
N LEU D 156 16.59 -5.62 1.68
CA LEU D 156 15.33 -6.12 1.16
C LEU D 156 14.16 -5.65 2.03
N TYR D 157 13.03 -5.44 1.34
CA TYR D 157 11.79 -4.94 1.91
C TYR D 157 10.89 -6.09 2.36
N GLY D 158 10.23 -5.92 3.50
CA GLY D 158 9.20 -6.87 3.83
C GLY D 158 9.19 -7.43 5.24
N ASN D 159 10.13 -7.01 6.08
CA ASN D 159 10.08 -7.37 7.50
C ASN D 159 9.94 -6.07 8.27
N GLY D 160 8.78 -5.85 8.87
CA GLY D 160 8.57 -4.59 9.54
C GLY D 160 7.42 -4.58 10.52
N VAL D 161 6.68 -3.47 10.56
CA VAL D 161 5.61 -3.27 11.53
C VAL D 161 4.48 -2.51 10.86
N VAL D 162 3.26 -2.78 11.34
CA VAL D 162 2.09 -1.98 11.01
C VAL D 162 1.90 -0.95 12.13
N ILE D 163 1.71 0.30 11.77
CA ILE D 163 1.59 1.36 12.78
C ILE D 163 0.12 1.73 12.98
N LYS D 164 -0.12 2.76 13.80
CA LYS D 164 -1.45 2.99 14.36
C LYS D 164 -2.46 3.32 13.29
N ASN D 165 -2.06 4.10 12.30
CA ASN D 165 -3.00 4.48 11.23
C ASN D 165 -3.16 3.39 10.17
N GLY D 166 -2.61 2.20 10.40
CA GLY D 166 -2.85 1.08 9.51
C GLY D 166 -1.83 0.89 8.42
N SER D 167 -0.90 1.84 8.24
CA SER D 167 0.13 1.71 7.23
C SER D 167 1.26 0.82 7.73
N TYR D 168 2.20 0.55 6.83
CA TYR D 168 3.24 -0.43 7.07
C TYR D 168 4.59 0.26 6.94
N VAL D 169 5.53 -0.06 7.83
CA VAL D 169 6.89 0.44 7.73
C VAL D 169 7.82 -0.78 7.76
N SER D 170 8.65 -0.91 6.73
CA SER D 170 9.56 -2.06 6.59
C SER D 170 10.97 -1.67 7.00
N ALA D 171 11.65 -2.59 7.68
CA ALA D 171 13.09 -2.44 7.83
C ALA D 171 13.77 -2.55 6.46
N ILE D 172 14.92 -1.89 6.32
CA ILE D 172 15.84 -2.19 5.25
C ILE D 172 16.72 -3.32 5.75
N THR D 173 16.36 -4.56 5.41
CA THR D 173 17.04 -5.73 5.97
C THR D 173 18.16 -6.15 5.04
N GLN D 174 19.40 -6.08 5.54
CA GLN D 174 20.60 -6.37 4.77
C GLN D 174 21.41 -7.45 5.49
N GLY D 175 22.00 -8.35 4.70
CA GLY D 175 22.86 -9.39 5.25
C GLY D 175 24.31 -8.95 5.31
N LYS D 176 25.18 -9.93 5.51
CA LYS D 176 26.62 -9.71 5.57
C LYS D 176 27.26 -10.50 4.44
N ARG D 177 28.16 -9.87 3.70
CA ARG D 177 28.88 -10.57 2.64
C ARG D 177 30.06 -11.35 3.21
N2 PBZ E . 1.91 -3.79 3.86
N3 PBZ E . 0.68 -4.68 5.57
C7 PBZ E . 1.69 -4.76 4.77
C4 PBZ E . 2.66 -5.87 4.83
C2 PBZ E . 4.76 -6.86 4.14
C3 PBZ E . 3.85 -5.82 4.09
C5 PBZ E . 2.41 -7.00 5.60
C6 PBZ E . 3.31 -8.04 5.66
C1 PBZ E . 4.50 -7.99 4.93
N1 PBZ E . 5.41 -9.02 4.98
#